data_2ALU
#
_entry.id   2ALU
#
_cell.length_a   63.508
_cell.length_b   50.518
_cell.length_c   66.114
_cell.angle_alpha   90.00
_cell.angle_beta   107.76
_cell.angle_gamma   90.00
#
_symmetry.space_group_name_H-M   'P 1 21 1'
#
loop_
_entity.id
_entity.type
_entity.pdbx_description
1 polymer Lactotransferrin
2 branched beta-D-mannopyranose-(1-4)-2-acetamido-2-deoxy-beta-D-glucopyranose-(1-4)-2-acetamido-2-deoxy-beta-D-glucopyranose
3 branched alpha-D-mannopyranose-(1-4)-alpha-D-mannopyranose-(1-4)-alpha-D-mannopyranose-(1-4)-beta-D-mannopyranose-(1-4)-2-acetamido-2-deoxy-beta-D-glucopyranose-(1-4)-2-acetamido-2-deoxy-beta-D-glucopyranose
4 branched 2-acetamido-2-deoxy-beta-D-glucopyranose-(1-4)-2-acetamido-2-deoxy-beta-D-glucopyranose-(1-4)-2-acetamido-2-deoxy-alpha-D-glucopyranose-(1-4)-2-acetamido-2-deoxy-beta-D-glucopyranose
5 non-polymer 2-acetamido-2-deoxy-beta-D-glucopyranose
6 non-polymer 'ZINC ION'
7 non-polymer 'FE (III) ION'
8 non-polymer 'CARBONATE ION'
9 non-polymer 'SULFATE ION'
10 water water
#
_entity_poly.entity_id   1
_entity_poly.type   'polypeptide(L)'
_entity_poly.pdbx_seq_one_letter_code
;YTRVVWCAVGPEEQKKCQQWSQQSGQNVTCATASTTDDCIVLVLKGEADALNLDGGYIYTAGKCGLVPVLAENRKSSKHS
SLDCVLRPTEGYLAVAVVKKANEGLTWNSLKDKKSCHTAVDRTAGWNIPMGLIVNQTGSCAFDEFFSQSCAPGADPKSRL
CALCAGDDQGLDKCVPNSKEKYYGYTGAFRCLAEDVGDVAFVKNDTVWENTNGESTADWAKNLKREDFRLLCLDGTRKPV
TEAQSCHLAVAPNHAVVSRSDRAAHVEQVLLHQQALFGKNGKNCPDKFCLFKSETKNLLFNDNTECLAKLGGRPTYEEYL
GTEYVTAIANLKKCSTSPLLEACAFLTR
;
_entity_poly.pdbx_strand_id   A
#
loop_
_chem_comp.id
_chem_comp.type
_chem_comp.name
_chem_comp.formula
BMA D-saccharide, beta linking beta-D-mannopyranose 'C6 H12 O6'
CO3 non-polymer 'CARBONATE ION' 'C O3 -2'
FE non-polymer 'FE (III) ION' 'Fe 3'
MAN D-saccharide, alpha linking alpha-D-mannopyranose 'C6 H12 O6'
NAG D-saccharide, beta linking 2-acetamido-2-deoxy-beta-D-glucopyranose 'C8 H15 N O6'
NDG D-saccharide, alpha linking 2-acetamido-2-deoxy-alpha-D-glucopyranose 'C8 H15 N O6'
SO4 non-polymer 'SULFATE ION' 'O4 S -2'
ZN non-polymer 'ZINC ION' 'Zn 2'
#
# COMPACT_ATOMS: atom_id res chain seq x y z
N TYR A 1 -8.16 -7.19 27.95
CA TYR A 1 -7.32 -8.44 27.96
C TYR A 1 -7.37 -9.17 26.63
N THR A 2 -8.58 -9.54 26.22
CA THR A 2 -8.82 -10.17 24.92
C THR A 2 -9.19 -9.05 23.94
N ARG A 3 -8.87 -7.82 24.35
CA ARG A 3 -9.11 -6.64 23.55
C ARG A 3 -7.83 -6.31 22.74
N VAL A 4 -8.02 -5.72 21.56
CA VAL A 4 -6.93 -5.39 20.67
C VAL A 4 -6.87 -3.87 20.38
N VAL A 5 -5.69 -3.28 20.50
CA VAL A 5 -5.57 -1.86 20.18
C VAL A 5 -5.04 -1.76 18.75
N TRP A 6 -5.87 -1.25 17.86
CA TRP A 6 -5.48 -1.08 16.49
C TRP A 6 -4.67 0.25 16.34
N CYS A 7 -3.65 0.29 15.51
CA CYS A 7 -2.99 1.59 15.27
C CYS A 7 -3.41 2.23 13.96
N ALA A 8 -4.01 3.41 13.98
CA ALA A 8 -4.46 4.06 12.76
C ALA A 8 -3.44 5.11 12.38
N VAL A 9 -3.24 5.31 11.08
CA VAL A 9 -2.27 6.27 10.64
C VAL A 9 -2.98 7.47 10.05
N GLY A 10 -2.99 8.57 10.80
CA GLY A 10 -3.62 9.80 10.37
C GLY A 10 -5.06 9.88 10.86
N PRO A 11 -5.68 11.06 10.73
CA PRO A 11 -7.03 11.32 11.26
C PRO A 11 -8.21 10.63 10.50
N GLU A 12 -8.08 10.32 9.22
CA GLU A 12 -9.11 9.62 8.47
C GLU A 12 -9.19 8.16 8.87
N GLU A 13 -8.03 7.54 9.10
CA GLU A 13 -8.00 6.16 9.60
C GLU A 13 -8.49 6.19 11.05
N GLN A 14 -8.14 7.24 11.77
CA GLN A 14 -8.63 7.33 13.15
C GLN A 14 -10.17 7.31 13.21
N LYS A 15 -10.83 8.10 12.38
CA LYS A 15 -12.27 8.13 12.39
C LYS A 15 -12.90 6.79 12.03
N LYS A 16 -12.31 6.08 11.07
CA LYS A 16 -12.83 4.77 10.66
C LYS A 16 -12.62 3.76 11.78
N CYS A 17 -11.42 3.78 12.35
CA CYS A 17 -11.15 2.91 13.48
C CYS A 17 -12.15 3.18 14.63
N GLN A 18 -12.43 4.45 14.90
CA GLN A 18 -13.36 4.77 16.01
C GLN A 18 -14.74 4.16 15.80
N GLN A 19 -15.20 4.14 14.56
CA GLN A 19 -16.45 3.52 14.20
C GLN A 19 -16.43 2.00 14.41
N TRP A 20 -15.31 1.38 14.01
CA TRP A 20 -15.12 -0.05 14.19
C TRP A 20 -15.18 -0.35 15.67
N SER A 21 -14.53 0.51 16.46
CA SER A 21 -14.41 0.34 17.90
C SER A 21 -15.77 0.31 18.58
N GLN A 22 -16.56 1.33 18.26
CA GLN A 22 -17.94 1.47 18.72
C GLN A 22 -18.80 0.26 18.33
N GLN A 23 -18.73 -0.19 17.07
CA GLN A 23 -19.50 -1.35 16.61
C GLN A 23 -19.06 -2.70 17.20
N SER A 24 -17.83 -2.73 17.72
CA SER A 24 -17.23 -3.94 18.27
C SER A 24 -17.49 -4.08 19.76
N GLY A 25 -18.13 -3.10 20.35
CA GLY A 25 -18.44 -3.17 21.77
C GLY A 25 -17.14 -3.00 22.55
N GLN A 26 -16.23 -2.24 21.94
CA GLN A 26 -14.95 -1.96 22.54
C GLN A 26 -14.01 -3.15 22.53
N ASN A 27 -14.32 -4.20 21.77
CA ASN A 27 -13.36 -5.30 21.65
C ASN A 27 -12.11 -4.78 20.92
N VAL A 28 -12.33 -3.87 19.98
CA VAL A 28 -11.22 -3.21 19.31
C VAL A 28 -11.21 -1.77 19.79
N THR A 29 -10.01 -1.30 20.12
CA THR A 29 -9.77 0.07 20.56
C THR A 29 -8.74 0.72 19.61
N CYS A 30 -8.59 2.03 19.65
CA CYS A 30 -7.74 2.76 18.69
C CYS A 30 -6.61 3.60 19.31
N ALA A 31 -5.43 3.46 18.69
CA ALA A 31 -4.32 4.31 18.98
C ALA A 31 -4.08 5.04 17.63
N THR A 32 -3.54 6.26 17.63
CA THR A 32 -3.33 6.95 16.37
C THR A 32 -1.97 7.57 16.35
N ALA A 33 -1.36 7.60 15.18
CA ALA A 33 -0.03 8.18 15.01
C ALA A 33 0.04 8.88 13.68
N SER A 34 1.00 9.78 13.49
CA SER A 34 1.09 10.48 12.21
C SER A 34 1.74 9.70 11.05
N THR A 35 2.48 8.65 11.37
CA THR A 35 3.09 7.88 10.29
C THR A 35 3.12 6.44 10.66
N THR A 36 3.38 5.60 9.67
CA THR A 36 3.35 4.19 9.87
C THR A 36 4.51 3.83 10.78
N ASP A 37 5.68 4.43 10.53
CA ASP A 37 6.84 4.17 11.36
C ASP A 37 6.52 4.40 12.82
N ASP A 38 5.77 5.46 13.10
CA ASP A 38 5.38 5.71 14.47
C ASP A 38 4.47 4.63 15.05
N CYS A 39 3.53 4.17 14.24
CA CYS A 39 2.61 3.11 14.68
C CYS A 39 3.43 1.88 15.02
N ILE A 40 4.50 1.65 14.25
CA ILE A 40 5.36 0.52 14.52
C ILE A 40 6.02 0.56 15.89
N VAL A 41 6.44 1.76 16.28
CA VAL A 41 7.05 2.03 17.58
C VAL A 41 6.00 1.84 18.67
N LEU A 42 4.78 2.34 18.42
CA LEU A 42 3.70 2.11 19.39
C LEU A 42 3.52 0.62 19.64
N VAL A 43 3.58 -0.19 18.60
CA VAL A 43 3.45 -1.65 18.80
C VAL A 43 4.64 -2.24 19.58
N LEU A 44 5.84 -1.86 19.21
CA LEU A 44 7.03 -2.31 19.95
C LEU A 44 6.94 -1.96 21.42
N LYS A 45 6.38 -0.80 21.71
CA LYS A 45 6.29 -0.46 23.11
C LYS A 45 5.17 -1.19 23.83
N GLY A 46 4.23 -1.78 23.09
CA GLY A 46 3.09 -2.46 23.68
C GLY A 46 1.92 -1.53 23.93
N GLU A 47 1.99 -0.34 23.35
CA GLU A 47 0.95 0.69 23.46
C GLU A 47 -0.14 0.48 22.43
N ALA A 48 0.22 -0.27 21.39
CA ALA A 48 -0.73 -0.66 20.36
C ALA A 48 -0.43 -2.15 20.05
N ASP A 49 -1.41 -2.88 19.55
CA ASP A 49 -1.19 -4.29 19.27
C ASP A 49 -0.86 -4.63 17.81
N ALA A 50 -1.55 -3.98 16.89
CA ALA A 50 -1.44 -4.37 15.49
C ALA A 50 -1.87 -3.36 14.44
N LEU A 51 -1.51 -3.61 13.20
CA LEU A 51 -1.93 -2.79 12.08
C LEU A 51 -1.59 -3.59 10.85
N ASN A 52 -2.23 -3.22 9.74
CA ASN A 52 -2.03 -3.82 8.44
C ASN A 52 -0.94 -2.96 7.70
N LEU A 53 0.02 -3.64 7.07
CA LEU A 53 1.14 -2.97 6.43
C LEU A 53 1.53 -3.46 5.05
N ASP A 54 1.95 -2.52 4.24
CA ASP A 54 2.42 -2.86 2.95
C ASP A 54 3.77 -3.62 3.18
N GLY A 55 4.17 -4.44 2.23
CA GLY A 55 5.40 -5.21 2.29
C GLY A 55 6.65 -4.47 2.66
N GLY A 56 6.81 -3.22 2.22
CA GLY A 56 8.01 -2.49 2.53
C GLY A 56 8.15 -2.19 4.00
N TYR A 57 7.01 -1.97 4.65
CA TYR A 57 6.99 -1.71 6.07
C TYR A 57 7.12 -2.99 6.84
N ILE A 58 6.68 -4.10 6.29
CA ILE A 58 6.83 -5.38 7.01
C ILE A 58 8.32 -5.71 7.13
N TYR A 59 9.11 -5.25 6.20
CA TYR A 59 10.56 -5.50 6.28
C TYR A 59 11.12 -4.66 7.45
N THR A 60 10.67 -3.42 7.56
CA THR A 60 11.07 -2.58 8.68
C THR A 60 10.62 -3.20 10.01
N ALA A 61 9.37 -3.65 10.06
CA ALA A 61 8.79 -4.15 11.29
C ALA A 61 9.43 -5.48 11.68
N GLY A 62 9.74 -6.30 10.68
CA GLY A 62 10.28 -7.62 10.89
C GLY A 62 11.67 -7.57 11.53
N LYS A 63 12.52 -6.66 11.10
CA LYS A 63 13.84 -6.45 11.69
C LYS A 63 13.74 -6.08 13.17
N CYS A 64 12.67 -5.37 13.54
CA CYS A 64 12.44 -5.04 14.96
C CYS A 64 11.72 -6.17 15.73
N GLY A 65 11.45 -7.27 15.05
CA GLY A 65 10.84 -8.40 15.74
C GLY A 65 9.34 -8.58 15.56
N LEU A 66 8.68 -7.74 14.79
CA LEU A 66 7.25 -7.95 14.55
C LEU A 66 7.05 -9.06 13.55
N VAL A 67 5.90 -9.69 13.62
CA VAL A 67 5.63 -10.84 12.79
C VAL A 67 4.32 -10.68 12.02
N PRO A 68 4.28 -11.34 10.86
CA PRO A 68 3.08 -11.43 10.01
C PRO A 68 2.05 -12.30 10.71
N VAL A 69 0.79 -11.86 10.73
CA VAL A 69 -0.27 -12.60 11.40
C VAL A 69 -1.33 -13.15 10.44
N LEU A 70 -1.83 -12.27 9.57
CA LEU A 70 -2.85 -12.61 8.60
C LEU A 70 -2.64 -11.71 7.40
N ALA A 71 -2.93 -12.22 6.20
CA ALA A 71 -2.77 -11.46 4.97
C ALA A 71 -4.08 -11.03 4.30
N GLU A 72 -4.08 -9.86 3.63
CA GLU A 72 -5.16 -9.45 2.76
C GLU A 72 -5.24 -10.46 1.62
N ASN A 73 -6.46 -10.83 1.27
CA ASN A 73 -6.69 -11.78 0.18
C ASN A 73 -7.81 -11.20 -0.69
N ARG A 74 -7.53 -10.88 -1.95
CA ARG A 74 -8.58 -10.37 -2.85
C ARG A 74 -9.21 -11.54 -3.62
N LYS A 75 -10.39 -11.36 -4.20
CA LYS A 75 -11.04 -12.46 -4.90
C LYS A 75 -10.29 -12.91 -6.15
N SER A 76 -10.21 -14.20 -6.39
CA SER A 76 -9.50 -14.67 -7.55
C SER A 76 -10.32 -15.68 -8.33
N SER A 77 -9.91 -15.93 -9.57
CA SER A 77 -10.60 -16.88 -10.43
C SER A 77 -10.13 -18.31 -10.14
N LYS A 78 -8.81 -18.48 -10.06
CA LYS A 78 -8.20 -19.78 -9.76
C LYS A 78 -8.24 -20.02 -8.24
N HIS A 79 -8.16 -21.29 -7.83
CA HIS A 79 -8.20 -21.66 -6.42
C HIS A 79 -9.59 -21.39 -5.86
N SER A 80 -10.57 -21.51 -6.74
CA SER A 80 -11.97 -21.21 -6.42
C SER A 80 -12.56 -22.14 -5.38
N SER A 81 -12.00 -23.34 -5.27
CA SER A 81 -12.50 -24.35 -4.36
C SER A 81 -12.42 -23.96 -2.87
N LEU A 82 -11.26 -23.51 -2.43
CA LEU A 82 -11.08 -23.20 -1.01
C LEU A 82 -11.78 -21.94 -0.52
N ASP A 83 -12.07 -21.91 0.78
CA ASP A 83 -12.66 -20.73 1.42
C ASP A 83 -11.63 -19.60 1.43
N CYS A 84 -12.10 -18.35 1.42
CA CYS A 84 -11.18 -17.21 1.41
C CYS A 84 -10.10 -17.23 2.49
N VAL A 85 -10.47 -17.53 3.73
CA VAL A 85 -9.52 -17.51 4.84
C VAL A 85 -8.42 -18.56 4.78
N LEU A 86 -8.64 -19.63 4.03
CA LEU A 86 -7.67 -20.71 3.94
C LEU A 86 -6.96 -20.67 2.59
N ARG A 87 -7.48 -19.84 1.70
CA ARG A 87 -6.94 -19.68 0.35
C ARG A 87 -5.57 -18.98 0.30
N PRO A 88 -4.61 -19.62 -0.34
CA PRO A 88 -3.30 -19.05 -0.60
C PRO A 88 -3.33 -17.61 -1.16
N THR A 89 -2.37 -16.77 -0.77
CA THR A 89 -2.30 -15.40 -1.30
C THR A 89 -1.61 -15.42 -2.63
N GLU A 90 -1.96 -14.47 -3.49
CA GLU A 90 -1.38 -14.47 -4.82
C GLU A 90 -0.36 -13.38 -5.14
N GLY A 91 -0.40 -12.27 -4.43
CA GLY A 91 0.56 -11.21 -4.74
C GLY A 91 -0.04 -10.23 -5.73
N TYR A 92 0.37 -8.99 -5.67
CA TYR A 92 -0.20 -8.05 -6.62
C TYR A 92 0.84 -7.62 -7.60
N LEU A 93 0.37 -7.04 -8.70
CA LEU A 93 1.28 -6.62 -9.75
C LEU A 93 1.72 -5.16 -9.60
N ALA A 94 3.02 -4.90 -9.47
CA ALA A 94 3.46 -3.51 -9.40
C ALA A 94 3.66 -3.01 -10.86
N VAL A 95 3.09 -1.86 -11.20
CA VAL A 95 3.19 -1.34 -12.55
C VAL A 95 3.67 0.11 -12.55
N ALA A 96 3.99 0.60 -13.75
CA ALA A 96 4.29 2.01 -13.95
C ALA A 96 3.23 2.40 -14.98
N VAL A 97 2.48 3.47 -14.70
CA VAL A 97 1.37 3.85 -15.56
C VAL A 97 1.60 5.27 -16.10
N VAL A 98 1.18 5.51 -17.34
CA VAL A 98 1.28 6.85 -17.97
C VAL A 98 0.03 7.17 -18.79
N LYS A 99 -0.13 8.44 -19.19
CA LYS A 99 -1.23 8.80 -20.07
C LYS A 99 -0.85 8.36 -21.46
N LYS A 100 -1.78 7.76 -22.19
CA LYS A 100 -1.50 7.37 -23.58
C LYS A 100 -1.15 8.57 -24.47
N ALA A 101 -1.72 9.73 -24.15
CA ALA A 101 -1.51 10.93 -24.96
C ALA A 101 -0.11 11.42 -24.79
N ASN A 102 0.62 10.82 -23.85
CA ASN A 102 2.00 11.12 -23.57
C ASN A 102 2.86 10.18 -24.42
N GLU A 103 2.74 10.31 -25.72
CA GLU A 103 3.39 9.37 -26.64
C GLU A 103 4.87 9.48 -26.47
N GLY A 104 5.59 8.43 -26.85
CA GLY A 104 7.04 8.51 -26.82
C GLY A 104 7.68 8.30 -25.47
N LEU A 105 6.88 8.30 -24.40
CA LEU A 105 7.41 8.01 -23.07
C LEU A 105 7.48 6.50 -22.83
N THR A 106 8.68 5.99 -22.55
CA THR A 106 8.87 4.58 -22.26
C THR A 106 9.77 4.45 -21.06
N TRP A 107 9.93 3.23 -20.55
CA TRP A 107 10.79 2.97 -19.40
C TRP A 107 12.17 3.57 -19.65
N ASN A 108 12.63 3.47 -20.89
CA ASN A 108 13.96 3.96 -21.27
C ASN A 108 14.08 5.47 -21.41
N SER A 109 13.00 6.22 -21.22
CA SER A 109 13.12 7.68 -21.31
C SER A 109 12.49 8.37 -20.10
N LEU A 110 12.52 7.70 -18.95
CA LEU A 110 11.95 8.23 -17.71
C LEU A 110 12.81 9.29 -17.06
N LYS A 111 14.11 9.23 -17.31
CA LYS A 111 15.00 10.19 -16.68
C LYS A 111 14.54 11.62 -16.91
N ASP A 112 14.56 12.42 -15.84
CA ASP A 112 14.16 13.81 -15.83
C ASP A 112 12.66 14.11 -15.96
N LYS A 113 11.82 13.07 -15.98
CA LYS A 113 10.38 13.30 -15.98
C LYS A 113 9.91 13.51 -14.54
N LYS A 114 8.59 13.65 -14.40
CA LYS A 114 7.90 13.82 -13.13
C LYS A 114 7.23 12.53 -12.66
N SER A 115 7.52 12.12 -11.41
CA SER A 115 7.02 10.85 -10.86
C SER A 115 6.04 11.02 -9.68
N CYS A 116 5.15 10.04 -9.55
CA CYS A 116 4.15 10.02 -8.48
C CYS A 116 4.29 8.67 -7.80
N HIS A 117 4.62 8.66 -6.50
CA HIS A 117 4.89 7.42 -5.72
C HIS A 117 3.89 7.31 -4.59
N THR A 118 3.53 6.10 -4.18
CA THR A 118 2.59 6.00 -3.08
C THR A 118 3.18 6.53 -1.80
N ALA A 119 4.45 6.19 -1.57
CA ALA A 119 5.19 6.72 -0.41
C ALA A 119 6.55 6.10 -0.40
N VAL A 120 7.53 6.81 0.17
CA VAL A 120 8.85 6.21 0.37
C VAL A 120 8.72 4.94 1.20
N ASP A 121 9.55 3.95 0.86
CA ASP A 121 9.64 2.69 1.56
C ASP A 121 8.53 1.67 1.29
N ARG A 122 7.54 2.01 0.45
CA ARG A 122 6.46 1.07 0.11
C ARG A 122 6.83 0.22 -1.09
N THR A 123 6.18 -0.92 -1.29
CA THR A 123 6.57 -1.82 -2.40
C THR A 123 6.47 -1.32 -3.86
N ALA A 124 5.25 -1.15 -4.39
CA ALA A 124 5.11 -0.71 -5.75
C ALA A 124 5.39 0.78 -5.89
N GLY A 125 5.23 1.56 -4.83
CA GLY A 125 5.49 2.98 -5.05
C GLY A 125 6.96 3.38 -5.00
N TRP A 126 7.79 2.58 -4.33
CA TRP A 126 9.20 2.96 -4.11
C TRP A 126 10.26 1.88 -4.27
N ASN A 127 10.19 0.84 -3.45
CA ASN A 127 11.22 -0.17 -3.39
C ASN A 127 11.50 -0.85 -4.71
N ILE A 128 10.44 -1.18 -5.45
CA ILE A 128 10.58 -1.89 -6.72
C ILE A 128 11.10 -0.96 -7.86
N PRO A 129 10.44 0.17 -8.10
CA PRO A 129 10.89 1.08 -9.16
C PRO A 129 12.28 1.68 -8.90
N MET A 130 12.57 2.17 -7.69
CA MET A 130 13.85 2.78 -7.35
C MET A 130 14.97 1.76 -7.24
N GLY A 131 14.61 0.55 -6.80
CA GLY A 131 15.50 -0.59 -6.81
C GLY A 131 15.96 -0.89 -8.25
N LEU A 132 14.99 -0.93 -9.16
CA LEU A 132 15.30 -1.14 -10.58
C LEU A 132 16.15 -0.03 -11.17
N ILE A 133 15.86 1.20 -10.78
CA ILE A 133 16.58 2.35 -11.31
C ILE A 133 18.00 2.50 -10.79
N VAL A 134 18.18 2.37 -9.49
CA VAL A 134 19.51 2.42 -8.94
C VAL A 134 20.37 1.38 -9.66
N ASN A 135 19.79 0.21 -9.89
CA ASN A 135 20.51 -0.87 -10.52
C ASN A 135 20.92 -0.52 -11.93
N GLN A 136 19.92 -0.28 -12.78
CA GLN A 136 20.17 0.05 -14.17
C GLN A 136 21.06 1.24 -14.32
N THR A 137 21.15 2.02 -13.26
CA THR A 137 21.86 3.29 -13.32
C THR A 137 23.27 3.22 -12.68
N GLY A 138 23.47 2.22 -11.83
CA GLY A 138 24.72 2.04 -11.14
C GLY A 138 25.01 3.18 -10.20
N SER A 139 23.99 3.97 -9.88
CA SER A 139 24.17 5.10 -8.99
C SER A 139 23.14 5.08 -7.87
N CYS A 140 23.50 5.66 -6.72
CA CYS A 140 22.63 5.72 -5.55
C CYS A 140 21.90 7.05 -5.50
N ALA A 141 22.07 7.84 -6.56
CA ALA A 141 21.42 9.14 -6.61
C ALA A 141 19.97 9.09 -7.16
N PHE A 142 19.15 8.19 -6.62
CA PHE A 142 17.76 8.10 -7.05
C PHE A 142 17.00 9.41 -6.81
N ASP A 143 17.55 10.28 -5.98
CA ASP A 143 16.91 11.56 -5.74
C ASP A 143 17.22 12.57 -6.85
N GLU A 144 18.06 12.23 -7.80
CA GLU A 144 18.37 13.15 -8.89
C GLU A 144 17.87 12.64 -10.25
N PHE A 145 17.23 11.48 -10.23
CA PHE A 145 16.71 10.85 -11.44
C PHE A 145 15.49 11.57 -12.06
N PHE A 146 14.43 11.71 -11.26
CA PHE A 146 13.28 12.43 -11.71
C PHE A 146 13.55 13.92 -11.48
N SER A 147 12.94 14.80 -12.27
CA SER A 147 13.12 16.23 -12.06
C SER A 147 12.36 16.70 -10.81
N GLN A 148 11.12 16.26 -10.71
CA GLN A 148 10.26 16.57 -9.57
C GLN A 148 9.37 15.36 -9.28
N SER A 149 8.99 15.17 -8.02
CA SER A 149 8.14 14.04 -7.65
C SER A 149 7.25 14.36 -6.46
N CYS A 150 6.27 13.49 -6.24
CA CYS A 150 5.56 13.45 -5.01
C CYS A 150 5.87 12.06 -4.45
N ALA A 151 6.68 12.03 -3.39
CA ALA A 151 6.98 10.76 -2.71
C ALA A 151 6.82 10.98 -1.20
N PRO A 152 5.61 10.83 -0.68
CA PRO A 152 5.37 11.09 0.75
C PRO A 152 6.39 10.37 1.65
N GLY A 153 6.87 11.09 2.66
CA GLY A 153 7.86 10.56 3.56
C GLY A 153 9.25 11.08 3.26
N ALA A 154 9.46 11.83 2.18
CA ALA A 154 10.80 12.42 1.93
C ALA A 154 10.84 13.84 2.47
N ASP A 155 12.01 14.48 2.37
CA ASP A 155 12.19 15.84 2.89
C ASP A 155 11.27 16.80 2.12
N PRO A 156 10.42 17.50 2.86
CA PRO A 156 9.47 18.43 2.25
C PRO A 156 10.11 19.52 1.42
N LYS A 157 11.41 19.80 1.64
CA LYS A 157 12.11 20.84 0.89
C LYS A 157 12.79 20.30 -0.37
N SER A 158 12.85 18.97 -0.52
CA SER A 158 13.47 18.41 -1.69
C SER A 158 12.53 18.28 -2.89
N ARG A 159 13.14 18.02 -4.04
CA ARG A 159 12.49 17.77 -5.30
C ARG A 159 11.60 16.53 -5.25
N LEU A 160 11.91 15.63 -4.32
CA LEU A 160 11.08 14.46 -4.13
C LEU A 160 9.73 14.83 -3.55
N CYS A 161 9.59 16.04 -3.02
CA CYS A 161 8.32 16.47 -2.43
C CYS A 161 7.69 17.64 -3.18
N ALA A 162 8.35 18.04 -4.27
CA ALA A 162 7.94 19.21 -5.06
C ALA A 162 6.52 19.18 -5.57
N LEU A 163 6.06 18.01 -5.93
CA LEU A 163 4.76 17.84 -6.51
C LEU A 163 3.65 17.50 -5.55
N CYS A 164 3.98 17.22 -4.27
CA CYS A 164 2.92 16.90 -3.28
C CYS A 164 2.18 18.16 -2.89
N ALA A 165 0.93 17.96 -2.50
CA ALA A 165 0.01 19.06 -2.31
C ALA A 165 -0.42 19.35 -0.90
N GLY A 166 -0.30 18.41 0.03
CA GLY A 166 -0.79 18.66 1.35
C GLY A 166 -2.30 18.46 1.42
N ASP A 167 -2.90 18.99 2.47
CA ASP A 167 -4.33 18.81 2.68
C ASP A 167 -5.14 19.97 2.04
N ASP A 168 -6.42 20.10 2.40
CA ASP A 168 -7.27 21.22 1.93
C ASP A 168 -6.58 22.57 2.02
N GLN A 169 -5.96 22.82 3.15
CA GLN A 169 -5.32 24.11 3.42
C GLN A 169 -3.88 24.16 3.00
N GLY A 170 -3.43 23.14 2.29
CA GLY A 170 -2.05 23.13 1.90
C GLY A 170 -1.14 22.80 3.04
N LEU A 171 -1.68 22.24 4.13
CA LEU A 171 -0.81 21.88 5.23
C LEU A 171 -0.38 20.41 5.11
N ASP A 172 0.61 20.00 5.90
CA ASP A 172 1.02 18.59 5.90
C ASP A 172 1.55 18.12 4.54
N LYS A 173 2.13 19.04 3.79
CA LYS A 173 2.65 18.66 2.49
C LYS A 173 3.68 17.54 2.60
N CYS A 174 3.43 16.45 1.88
CA CYS A 174 4.34 15.33 1.83
C CYS A 174 4.33 14.44 3.08
N VAL A 175 3.38 14.59 3.96
CA VAL A 175 3.39 13.68 5.10
C VAL A 175 2.97 12.33 4.54
N PRO A 176 3.54 11.25 5.06
CA PRO A 176 3.12 9.92 4.60
C PRO A 176 1.81 9.43 5.26
N ASN A 177 0.72 10.14 5.03
CA ASN A 177 -0.60 9.64 5.49
C ASN A 177 -1.65 10.23 4.57
N SER A 178 -2.90 9.83 4.74
CA SER A 178 -3.93 10.25 3.81
C SER A 178 -4.29 11.73 3.89
N LYS A 179 -3.70 12.51 4.80
CA LYS A 179 -3.94 13.95 4.71
C LYS A 179 -3.26 14.51 3.47
N GLU A 180 -2.22 13.82 2.98
CA GLU A 180 -1.54 14.33 1.80
C GLU A 180 -2.42 13.89 0.62
N LYS A 181 -2.76 14.83 -0.25
CA LYS A 181 -3.67 14.57 -1.37
C LYS A 181 -3.19 13.45 -2.29
N TYR A 182 -1.88 13.45 -2.60
CA TYR A 182 -1.33 12.42 -3.49
C TYR A 182 -0.69 11.21 -2.76
N TYR A 183 -1.17 10.91 -1.54
CA TYR A 183 -0.62 9.76 -0.81
C TYR A 183 -1.23 8.42 -1.22
N GLY A 184 -0.43 7.36 -1.21
CA GLY A 184 -0.95 6.01 -1.38
C GLY A 184 -1.30 5.65 -2.79
N TYR A 185 -1.85 4.45 -2.97
CA TYR A 185 -2.19 3.98 -4.30
C TYR A 185 -3.10 4.97 -5.01
N THR A 186 -4.19 5.32 -4.35
CA THR A 186 -5.13 6.26 -4.91
C THR A 186 -4.55 7.67 -5.22
N GLY A 187 -3.80 8.20 -4.27
CA GLY A 187 -3.18 9.50 -4.36
C GLY A 187 -2.17 9.54 -5.48
N ALA A 188 -1.38 8.49 -5.64
CA ALA A 188 -0.42 8.50 -6.75
C ALA A 188 -1.10 8.39 -8.11
N PHE A 189 -2.17 7.61 -8.21
CA PHE A 189 -2.85 7.53 -9.47
C PHE A 189 -3.49 8.90 -9.77
N ARG A 190 -4.10 9.54 -8.77
CA ARG A 190 -4.67 10.87 -8.98
C ARG A 190 -3.62 11.90 -9.45
N CYS A 191 -2.41 11.79 -8.93
CA CYS A 191 -1.28 12.66 -9.31
C CYS A 191 -1.03 12.49 -10.80
N LEU A 192 -1.08 11.24 -11.29
CA LEU A 192 -0.96 11.01 -12.72
C LEU A 192 -2.15 11.57 -13.49
N ALA A 193 -3.35 11.23 -13.08
CA ALA A 193 -4.55 11.64 -13.78
C ALA A 193 -4.77 13.16 -13.88
N GLU A 194 -4.35 13.93 -12.89
CA GLU A 194 -4.51 15.36 -13.00
C GLU A 194 -3.33 15.91 -13.75
N ASP A 195 -2.53 15.03 -14.33
CA ASP A 195 -1.37 15.48 -15.06
C ASP A 195 -0.37 16.25 -14.22
N VAL A 196 -0.19 15.87 -12.96
CA VAL A 196 0.81 16.54 -12.13
C VAL A 196 2.12 15.82 -12.40
N GLY A 197 2.06 14.50 -12.53
CA GLY A 197 3.30 13.83 -12.88
C GLY A 197 3.18 13.13 -14.23
N ASP A 198 4.29 12.67 -14.79
CA ASP A 198 4.25 11.87 -16.05
C ASP A 198 4.03 10.38 -15.86
N VAL A 199 4.39 9.85 -14.70
CA VAL A 199 4.24 8.43 -14.40
C VAL A 199 3.89 8.20 -12.94
N ALA A 200 3.06 7.17 -12.68
CA ALA A 200 2.64 6.78 -11.36
C ALA A 200 3.00 5.31 -11.13
N PHE A 201 3.57 5.02 -9.97
CA PHE A 201 3.99 3.67 -9.61
C PHE A 201 3.00 3.16 -8.58
N VAL A 202 2.08 2.35 -9.07
CA VAL A 202 1.07 1.80 -8.19
C VAL A 202 0.97 0.31 -8.49
N LYS A 203 -0.19 -0.23 -8.34
CA LYS A 203 -0.39 -1.64 -8.60
C LYS A 203 -1.47 -1.77 -9.67
N ASN A 204 -1.55 -2.92 -10.33
CA ASN A 204 -2.56 -3.07 -11.40
C ASN A 204 -3.98 -2.73 -10.97
N ASP A 205 -4.37 -3.18 -9.81
CA ASP A 205 -5.77 -2.97 -9.44
C ASP A 205 -6.19 -1.51 -9.36
N THR A 206 -5.25 -0.65 -9.02
CA THR A 206 -5.57 0.76 -8.85
C THR A 206 -6.13 1.42 -10.10
N VAL A 207 -5.52 1.11 -11.23
CA VAL A 207 -5.92 1.63 -12.52
C VAL A 207 -7.36 1.16 -12.75
N TRP A 208 -7.65 -0.11 -12.50
CA TRP A 208 -8.99 -0.62 -12.76
C TRP A 208 -10.09 -0.07 -11.88
N GLU A 209 -9.77 0.19 -10.60
CA GLU A 209 -10.73 0.65 -9.60
C GLU A 209 -11.05 2.13 -9.68
N ASN A 210 -10.29 2.83 -10.51
CA ASN A 210 -10.53 4.27 -10.62
C ASN A 210 -10.84 4.78 -12.03
N THR A 211 -11.22 3.86 -12.92
CA THR A 211 -11.58 4.21 -14.30
C THR A 211 -12.94 3.61 -14.69
N ASN A 212 -13.46 4.04 -15.84
CA ASN A 212 -14.70 3.52 -16.43
C ASN A 212 -15.89 3.48 -15.47
N GLY A 213 -16.01 4.50 -14.64
CA GLY A 213 -17.10 4.60 -13.67
C GLY A 213 -17.00 3.81 -12.36
N GLU A 214 -15.83 3.28 -12.04
CA GLU A 214 -15.71 2.50 -10.80
C GLU A 214 -15.58 3.35 -9.54
N SER A 215 -15.25 4.64 -9.68
CA SER A 215 -15.02 5.49 -8.48
C SER A 215 -16.00 6.65 -8.15
N THR A 216 -16.74 7.15 -9.12
CA THR A 216 -17.67 8.25 -8.83
C THR A 216 -16.94 9.49 -8.31
N ALA A 217 -15.72 9.30 -7.82
CA ALA A 217 -14.92 10.40 -7.32
C ALA A 217 -14.80 11.44 -8.41
N ASP A 218 -14.97 12.70 -8.02
CA ASP A 218 -14.92 13.84 -8.93
C ASP A 218 -13.73 13.83 -9.89
N TRP A 219 -12.55 13.51 -9.40
CA TRP A 219 -11.35 13.57 -10.23
C TRP A 219 -11.27 12.35 -11.14
N ALA A 220 -12.07 11.33 -10.85
CA ALA A 220 -12.00 10.10 -11.62
C ALA A 220 -13.27 9.70 -12.34
N LYS A 221 -14.33 10.50 -12.20
CA LYS A 221 -15.61 10.27 -12.87
C LYS A 221 -15.43 10.01 -14.34
N ASN A 222 -14.59 10.81 -14.98
CA ASN A 222 -14.42 10.73 -16.42
C ASN A 222 -13.17 10.03 -16.92
N LEU A 223 -12.53 9.23 -16.07
CA LEU A 223 -11.31 8.55 -16.48
C LEU A 223 -11.63 7.26 -17.23
N LYS A 224 -10.99 7.07 -18.37
CA LYS A 224 -11.19 5.87 -19.20
C LYS A 224 -9.90 5.08 -19.25
N ARG A 225 -9.97 3.79 -18.94
CA ARG A 225 -8.80 2.90 -19.01
C ARG A 225 -7.98 3.04 -20.30
N GLU A 226 -8.65 3.22 -21.43
CA GLU A 226 -7.94 3.35 -22.72
C GLU A 226 -7.03 4.59 -22.78
N ASP A 227 -7.21 5.53 -21.87
CA ASP A 227 -6.38 6.72 -21.90
C ASP A 227 -5.05 6.47 -21.19
N PHE A 228 -4.80 5.24 -20.75
CA PHE A 228 -3.62 4.94 -20.00
C PHE A 228 -2.83 3.78 -20.62
N ARG A 229 -1.55 3.70 -20.30
CA ARG A 229 -0.68 2.65 -20.81
C ARG A 229 0.32 2.24 -19.74
N LEU A 230 0.62 0.94 -19.70
CA LEU A 230 1.61 0.40 -18.77
C LEU A 230 3.00 0.47 -19.42
N LEU A 231 4.02 0.79 -18.63
CA LEU A 231 5.39 0.84 -19.20
C LEU A 231 6.07 -0.47 -18.87
N CYS A 232 6.55 -1.20 -19.88
CA CYS A 232 7.20 -2.48 -19.65
C CYS A 232 8.70 -2.35 -19.53
N LEU A 233 9.31 -3.35 -18.93
CA LEU A 233 10.74 -3.32 -18.73
C LEU A 233 11.54 -3.44 -20.03
N ASP A 234 10.94 -4.03 -21.07
CA ASP A 234 11.62 -4.14 -22.38
C ASP A 234 11.51 -2.91 -23.30
N GLY A 235 11.04 -1.78 -22.79
CA GLY A 235 10.92 -0.56 -23.56
C GLY A 235 9.62 -0.41 -24.32
N THR A 236 8.65 -1.24 -24.01
CA THR A 236 7.37 -1.26 -24.70
C THR A 236 6.25 -0.61 -23.88
N ARG A 237 5.15 -0.26 -24.53
CA ARG A 237 3.98 0.30 -23.84
C ARG A 237 2.85 -0.62 -24.20
N LYS A 238 2.02 -0.95 -23.23
CA LYS A 238 0.89 -1.84 -23.49
C LYS A 238 -0.38 -1.35 -22.82
N PRO A 239 -1.55 -1.72 -23.35
CA PRO A 239 -2.81 -1.45 -22.65
C PRO A 239 -2.84 -2.09 -21.27
N VAL A 240 -3.70 -1.59 -20.39
CA VAL A 240 -3.73 -2.06 -19.02
C VAL A 240 -4.30 -3.48 -18.90
N THR A 241 -4.80 -4.01 -20.00
CA THR A 241 -5.30 -5.39 -19.96
C THR A 241 -4.19 -6.41 -19.98
N GLU A 242 -2.98 -5.94 -20.27
CA GLU A 242 -1.81 -6.80 -20.40
C GLU A 242 -0.88 -6.72 -19.20
N ALA A 243 -1.41 -6.42 -18.03
CA ALA A 243 -0.57 -6.30 -16.83
C ALA A 243 0.22 -7.58 -16.54
N GLN A 244 -0.34 -8.71 -16.95
CA GLN A 244 0.33 -10.00 -16.69
C GLN A 244 1.61 -10.15 -17.49
N SER A 245 1.79 -9.37 -18.55
CA SER A 245 3.03 -9.48 -19.33
C SER A 245 3.79 -8.17 -19.36
N CYS A 246 3.35 -7.22 -18.54
CA CYS A 246 3.96 -5.89 -18.52
C CYS A 246 3.97 -5.32 -17.08
N HIS A 247 4.59 -6.02 -16.15
CA HIS A 247 4.67 -5.49 -14.79
C HIS A 247 6.13 -5.37 -14.36
N LEU A 248 6.36 -4.65 -13.27
CA LEU A 248 7.70 -4.47 -12.75
C LEU A 248 8.05 -5.62 -11.80
N ALA A 249 7.06 -6.20 -11.15
CA ALA A 249 7.26 -7.34 -10.25
C ALA A 249 5.94 -7.73 -9.66
N VAL A 250 5.93 -8.84 -8.91
CA VAL A 250 4.77 -9.24 -8.14
C VAL A 250 5.11 -8.96 -6.68
N ALA A 251 4.27 -8.21 -6.02
CA ALA A 251 4.49 -7.86 -4.64
C ALA A 251 3.72 -8.81 -3.69
N PRO A 252 4.26 -9.05 -2.50
CA PRO A 252 3.55 -9.79 -1.43
C PRO A 252 2.35 -8.96 -0.88
N ASN A 253 1.18 -9.57 -0.66
CA ASN A 253 0.03 -8.82 -0.18
C ASN A 253 0.29 -8.05 1.14
N HIS A 254 -0.46 -6.98 1.38
CA HIS A 254 -0.32 -6.30 2.65
C HIS A 254 -0.77 -7.29 3.69
N ALA A 255 -0.21 -7.17 4.89
CA ALA A 255 -0.59 -8.08 5.99
C ALA A 255 -0.56 -7.38 7.31
N VAL A 256 -1.40 -7.89 8.22
CA VAL A 256 -1.48 -7.47 9.60
C VAL A 256 -0.24 -7.96 10.37
N VAL A 257 0.43 -7.07 11.11
CA VAL A 257 1.55 -7.51 11.92
C VAL A 257 1.34 -7.17 13.38
N SER A 258 2.01 -7.89 14.26
CA SER A 258 1.97 -7.54 15.66
C SER A 258 3.25 -8.04 16.35
N ARG A 259 3.39 -7.73 17.63
CA ARG A 259 4.48 -8.33 18.38
C ARG A 259 4.30 -9.86 18.44
N SER A 260 5.38 -10.62 18.31
CA SER A 260 5.21 -12.05 18.28
C SER A 260 4.49 -12.56 19.51
N ASP A 261 4.77 -11.96 20.67
CA ASP A 261 4.11 -12.42 21.89
C ASP A 261 2.62 -12.12 21.98
N ARG A 262 2.11 -11.28 21.06
CA ARG A 262 0.69 -10.91 20.98
C ARG A 262 -0.04 -11.55 19.80
N ALA A 263 0.68 -12.31 19.00
CA ALA A 263 0.22 -12.81 17.71
C ALA A 263 -1.03 -13.67 17.75
N ALA A 264 -1.01 -14.70 18.60
CA ALA A 264 -2.11 -15.61 18.73
C ALA A 264 -3.38 -14.91 19.12
N HIS A 265 -3.26 -13.97 20.04
CA HIS A 265 -4.40 -13.22 20.50
C HIS A 265 -4.92 -12.31 19.38
N VAL A 266 -4.01 -11.63 18.68
CA VAL A 266 -4.47 -10.71 17.64
C VAL A 266 -5.22 -11.46 16.55
N GLU A 267 -4.69 -12.62 16.18
CA GLU A 267 -5.27 -13.52 15.19
C GLU A 267 -6.70 -13.94 15.57
N GLN A 268 -6.87 -14.43 16.79
CA GLN A 268 -8.17 -14.87 17.27
C GLN A 268 -9.22 -13.78 17.11
N VAL A 269 -8.94 -12.62 17.68
CA VAL A 269 -9.90 -11.52 17.61
C VAL A 269 -10.26 -11.09 16.18
N LEU A 270 -9.29 -11.01 15.29
CA LEU A 270 -9.56 -10.52 13.96
C LEU A 270 -10.44 -11.47 13.14
N LEU A 271 -10.19 -12.77 13.27
CA LEU A 271 -11.04 -13.77 12.59
C LEU A 271 -12.52 -13.60 12.97
N HIS A 272 -12.78 -13.26 14.22
CA HIS A 272 -14.16 -13.04 14.71
C HIS A 272 -14.69 -11.67 14.26
N GLN A 273 -13.81 -10.67 14.27
CA GLN A 273 -14.23 -9.38 13.77
C GLN A 273 -14.62 -9.43 12.30
N GLN A 274 -13.90 -10.22 11.49
CA GLN A 274 -14.28 -10.28 10.07
C GLN A 274 -15.53 -11.11 9.79
N ALA A 275 -15.90 -11.97 10.72
CA ALA A 275 -17.11 -12.77 10.60
C ALA A 275 -18.30 -11.85 10.81
N LEU A 276 -18.07 -10.78 11.55
CA LEU A 276 -19.05 -9.76 11.84
C LEU A 276 -19.07 -8.62 10.82
N PHE A 277 -17.89 -8.17 10.39
CA PHE A 277 -17.85 -7.00 9.53
C PHE A 277 -17.21 -7.17 8.18
N GLY A 278 -16.79 -8.39 7.88
CA GLY A 278 -16.16 -8.73 6.62
C GLY A 278 -17.12 -8.67 5.45
N LYS A 279 -16.67 -9.16 4.30
CA LYS A 279 -17.45 -9.13 3.06
C LYS A 279 -18.84 -9.74 3.21
N ASN A 280 -18.91 -10.94 3.76
CA ASN A 280 -20.20 -11.56 3.96
C ASN A 280 -20.51 -11.69 5.45
N GLY A 281 -20.22 -10.62 6.18
CA GLY A 281 -20.38 -10.65 7.63
C GLY A 281 -21.78 -10.33 8.13
N LYS A 282 -22.05 -10.76 9.35
CA LYS A 282 -23.33 -10.56 10.01
C LYS A 282 -23.84 -9.14 9.96
N ASN A 283 -22.94 -8.17 10.15
CA ASN A 283 -23.38 -6.78 10.15
C ASN A 283 -22.70 -5.87 9.13
N CYS A 284 -22.10 -6.42 8.09
CA CYS A 284 -21.32 -5.56 7.19
C CYS A 284 -22.14 -4.52 6.45
N PRO A 285 -22.93 -4.93 5.47
CA PRO A 285 -23.69 -3.94 4.71
C PRO A 285 -24.53 -3.10 5.66
N ASP A 286 -25.19 -3.74 6.63
CA ASP A 286 -26.17 -3.03 7.44
C ASP A 286 -25.64 -2.11 8.52
N LYS A 287 -24.61 -2.54 9.22
CA LYS A 287 -24.08 -1.68 10.28
C LYS A 287 -22.70 -1.11 10.02
N PHE A 288 -21.73 -1.97 9.73
CA PHE A 288 -20.34 -1.52 9.49
C PHE A 288 -19.56 -2.54 8.67
N CYS A 289 -18.86 -2.08 7.64
CA CYS A 289 -18.03 -2.94 6.81
C CYS A 289 -16.55 -2.56 6.96
N LEU A 290 -15.77 -3.49 7.48
CA LEU A 290 -14.35 -3.29 7.72
C LEU A 290 -13.59 -2.92 6.46
N PHE A 291 -13.92 -3.61 5.37
CA PHE A 291 -13.20 -3.45 4.13
C PHE A 291 -13.73 -2.39 3.18
N LYS A 292 -14.52 -1.46 3.68
CA LYS A 292 -14.98 -0.37 2.84
C LYS A 292 -14.55 0.99 3.40
N SER A 293 -14.23 1.91 2.49
CA SER A 293 -13.88 3.30 2.83
C SER A 293 -13.87 4.21 1.55
N GLU A 294 -14.89 4.08 0.72
CA GLU A 294 -15.02 4.90 -0.49
C GLU A 294 -13.76 5.15 -1.31
N THR A 295 -13.11 4.07 -1.76
CA THR A 295 -11.91 4.12 -2.61
C THR A 295 -10.65 4.70 -1.94
N LYS A 296 -10.74 4.89 -0.63
CA LYS A 296 -9.69 5.51 0.14
C LYS A 296 -8.74 4.52 0.84
N ASN A 297 -9.12 3.25 0.88
CA ASN A 297 -8.25 2.18 1.41
C ASN A 297 -7.75 2.49 2.82
N LEU A 298 -8.67 2.76 3.72
CA LEU A 298 -8.37 3.14 5.09
C LEU A 298 -8.32 1.89 5.95
N LEU A 299 -7.20 1.65 6.60
CA LEU A 299 -6.93 0.48 7.45
C LEU A 299 -6.64 -0.77 6.66
N PHE A 300 -7.46 -1.02 5.65
CA PHE A 300 -7.36 -2.16 4.76
C PHE A 300 -7.62 -1.64 3.36
N ASN A 301 -7.12 -2.32 2.34
CA ASN A 301 -7.43 -2.00 0.97
C ASN A 301 -8.92 -2.33 0.73
N ASP A 302 -9.60 -1.50 -0.07
CA ASP A 302 -11.04 -1.68 -0.35
C ASP A 302 -11.37 -2.94 -1.15
N ASN A 303 -10.43 -3.44 -1.94
CA ASN A 303 -10.68 -4.65 -2.69
C ASN A 303 -10.37 -5.93 -1.88
N THR A 304 -10.32 -5.83 -0.56
CA THR A 304 -10.03 -7.02 0.24
C THR A 304 -11.26 -7.92 0.44
N GLU A 305 -11.12 -9.20 0.12
CA GLU A 305 -12.21 -10.16 0.30
C GLU A 305 -12.22 -10.63 1.75
N CYS A 306 -11.04 -10.96 2.25
CA CYS A 306 -10.88 -11.36 3.65
C CYS A 306 -9.41 -11.31 4.04
N LEU A 307 -9.19 -11.53 5.32
CA LEU A 307 -7.89 -11.71 5.86
C LEU A 307 -7.73 -13.22 5.96
N ALA A 308 -6.62 -13.71 5.41
CA ALA A 308 -6.34 -15.12 5.34
C ALA A 308 -5.21 -15.57 6.29
N LYS A 309 -5.34 -16.80 6.81
CA LYS A 309 -4.28 -17.39 7.63
C LYS A 309 -3.09 -17.66 6.72
N LEU A 310 -1.89 -17.66 7.27
CA LEU A 310 -0.68 -17.78 6.45
C LEU A 310 -0.21 -19.20 6.04
N GLY A 311 -0.13 -20.12 6.96
CA GLY A 311 0.29 -21.45 6.52
C GLY A 311 1.78 -21.53 6.38
N GLY A 312 2.36 -22.39 7.21
CA GLY A 312 3.79 -22.55 7.30
C GLY A 312 4.31 -21.61 8.37
N ARG A 313 3.42 -20.98 9.13
CA ARG A 313 3.85 -20.00 10.14
C ARG A 313 5.17 -19.36 9.74
N PRO A 314 5.14 -18.54 8.69
CA PRO A 314 6.35 -17.94 8.12
C PRO A 314 6.92 -16.81 8.98
N THR A 315 8.24 -16.68 8.96
CA THR A 315 8.86 -15.52 9.56
C THR A 315 8.55 -14.39 8.57
N TYR A 316 9.07 -13.21 8.85
CA TYR A 316 8.82 -12.09 7.99
C TYR A 316 9.58 -12.26 6.66
N GLU A 317 10.76 -12.89 6.71
CA GLU A 317 11.55 -13.08 5.51
C GLU A 317 10.90 -14.08 4.57
N GLU A 318 10.35 -15.14 5.14
CA GLU A 318 9.66 -16.17 4.40
C GLU A 318 8.39 -15.60 3.77
N TYR A 319 7.73 -14.72 4.50
CA TYR A 319 6.50 -14.12 4.00
C TYR A 319 6.77 -13.21 2.77
N LEU A 320 7.85 -12.43 2.82
CA LEU A 320 8.15 -11.49 1.77
C LEU A 320 8.85 -12.23 0.60
N GLY A 321 9.46 -13.36 0.91
CA GLY A 321 10.11 -14.19 -0.09
C GLY A 321 11.54 -13.71 -0.32
N THR A 322 12.41 -14.65 -0.68
CA THR A 322 13.83 -14.34 -0.90
C THR A 322 14.05 -13.33 -2.04
N GLU A 323 13.21 -13.36 -3.06
CA GLU A 323 13.43 -12.41 -4.14
C GLU A 323 13.28 -10.96 -3.64
N TYR A 324 12.16 -10.66 -3.01
CA TYR A 324 11.88 -9.28 -2.56
C TYR A 324 12.85 -8.76 -1.50
N VAL A 325 13.17 -9.60 -0.51
CA VAL A 325 14.06 -9.24 0.59
C VAL A 325 15.46 -8.78 0.13
N THR A 326 16.01 -9.41 -0.89
CA THR A 326 17.33 -8.99 -1.36
C THR A 326 17.22 -7.71 -2.12
N ALA A 327 16.09 -7.52 -2.80
CA ALA A 327 15.87 -6.27 -3.51
C ALA A 327 15.98 -5.09 -2.54
N ILE A 328 15.28 -5.20 -1.41
CA ILE A 328 15.27 -4.12 -0.40
C ILE A 328 16.62 -3.87 0.24
N ALA A 329 17.26 -4.93 0.70
CA ALA A 329 18.60 -4.82 1.28
C ALA A 329 19.54 -4.07 0.35
N ASN A 330 19.58 -4.52 -0.90
CA ASN A 330 20.41 -3.85 -1.90
C ASN A 330 20.08 -2.35 -2.07
N LEU A 331 18.80 -2.00 -1.99
CA LEU A 331 18.41 -0.59 -2.13
C LEU A 331 18.82 0.20 -0.89
N LYS A 332 18.71 -0.46 0.26
CA LYS A 332 19.01 0.18 1.54
C LYS A 332 20.47 0.53 1.69
N LYS A 333 21.35 -0.19 1.00
CA LYS A 333 22.76 0.12 1.07
C LYS A 333 23.02 1.49 0.50
N CYS A 334 22.05 2.00 -0.26
CA CYS A 334 22.16 3.35 -0.81
C CYS A 334 21.79 4.38 0.23
N SER A 335 20.77 4.09 1.03
CA SER A 335 20.28 5.05 2.01
C SER A 335 20.93 4.85 3.39
N LEU A 340 17.36 1.91 18.60
CA LEU A 340 16.37 1.08 17.91
C LEU A 340 15.45 1.90 17.02
N GLU A 341 14.63 1.19 16.26
CA GLU A 341 13.75 1.82 15.29
C GLU A 341 14.56 1.94 14.00
N ALA A 342 15.22 0.83 13.69
CA ALA A 342 16.12 0.68 12.58
C ALA A 342 16.89 -0.47 13.18
N CYS A 343 16.19 -1.11 14.10
CA CYS A 343 16.66 -2.24 14.91
C CYS A 343 17.73 -3.14 14.25
N ALA A 344 17.74 -3.24 12.92
CA ALA A 344 18.77 -4.03 12.22
C ALA A 344 18.76 -3.67 10.73
C1 NAG B . 19.59 -4.95 -8.17
C2 NAG B . 18.41 -5.92 -8.06
C3 NAG B . 18.69 -7.07 -7.07
C4 NAG B . 20.05 -7.69 -7.34
C5 NAG B . 21.07 -6.59 -7.26
C6 NAG B . 22.47 -7.15 -7.47
C7 NAG B . 16.01 -5.35 -8.07
C8 NAG B . 14.95 -4.51 -7.41
N2 NAG B . 17.25 -5.19 -7.60
O3 NAG B . 17.67 -8.05 -7.07
O4 NAG B . 20.39 -8.53 -6.29
O5 NAG B . 20.80 -5.67 -8.28
O6 NAG B . 22.36 -8.17 -8.44
O7 NAG B . 15.72 -6.13 -8.97
C1 NAG B . 20.70 -9.83 -6.76
C2 NAG B . 21.37 -10.58 -5.62
C3 NAG B . 21.55 -12.03 -5.97
C4 NAG B . 20.23 -12.66 -6.39
C5 NAG B . 19.49 -11.83 -7.44
C6 NAG B . 18.03 -12.23 -7.37
C7 NAG B . 23.12 -9.67 -4.17
C8 NAG B . 24.48 -9.04 -4.16
N2 NAG B . 22.70 -10.05 -5.38
O3 NAG B . 22.01 -12.69 -4.81
O4 NAG B . 20.53 -13.89 -6.99
O5 NAG B . 19.52 -10.43 -7.24
O6 NAG B . 17.70 -12.53 -6.03
O7 NAG B . 22.47 -9.77 -3.13
C1 BMA B . 19.97 -14.96 -6.22
C2 BMA B . 19.45 -16.00 -7.21
C3 BMA B . 18.98 -17.26 -6.51
C4 BMA B . 20.08 -17.77 -5.58
C5 BMA B . 20.54 -16.66 -4.63
C6 BMA B . 21.71 -17.14 -3.78
O2 BMA B . 20.48 -16.29 -8.15
O3 BMA B . 18.58 -18.26 -7.43
O4 BMA B . 19.59 -18.84 -4.82
O5 BMA B . 20.94 -15.50 -5.34
O6 BMA B . 22.69 -16.12 -3.72
C1 NAG C . -5.92 -6.05 -12.58
C2 NAG C . -6.03 -7.61 -12.72
C3 NAG C . -7.47 -7.96 -13.10
C4 NAG C . -8.44 -7.41 -12.09
C5 NAG C . -8.18 -5.91 -11.86
C6 NAG C . -9.03 -5.26 -10.76
C7 NAG C . -4.18 -9.05 -13.46
C8 NAG C . -3.33 -9.47 -14.63
N2 NAG C . -5.14 -8.18 -13.72
O3 NAG C . -7.65 -9.36 -13.22
O4 NAG C . -9.70 -7.50 -12.70
O5 NAG C . -6.83 -5.66 -11.57
O6 NAG C . -8.85 -5.92 -9.54
O7 NAG C . -3.97 -9.56 -12.36
C1 NAG C . -10.57 -8.33 -11.93
C2 NAG C . -11.98 -7.79 -12.06
C3 NAG C . -13.01 -8.76 -11.49
C4 NAG C . -12.69 -10.21 -11.90
C5 NAG C . -11.25 -10.43 -11.48
C6 NAG C . -10.77 -11.89 -11.49
C7 NAG C . -12.66 -5.43 -11.94
C8 NAG C . -13.24 -4.41 -11.01
N2 NAG C . -12.08 -6.51 -11.39
O3 NAG C . -14.28 -8.34 -11.95
O4 NAG C . -13.54 -11.18 -11.32
O5 NAG C . -10.52 -9.65 -12.39
O6 NAG C . -9.86 -12.06 -12.54
O7 NAG C . -12.73 -5.26 -13.16
C1 BMA C . -14.89 -10.69 -11.38
C2 BMA C . -15.91 -11.79 -11.18
C3 BMA C . -17.31 -11.21 -11.34
C4 BMA C . -17.52 -9.78 -10.78
C5 BMA C . -16.24 -9.01 -10.41
C6 BMA C . -16.38 -8.29 -9.07
O2 BMA C . -15.75 -12.36 -9.89
O3 BMA C . -18.22 -12.11 -10.73
O4 BMA C . -18.20 -8.94 -11.71
O5 BMA C . -15.09 -9.81 -10.32
O6 BMA C . -15.67 -7.07 -9.09
C1 MAN C . -19.33 -8.24 -11.11
C2 MAN C . -20.11 -7.51 -12.19
C3 MAN C . -19.42 -6.24 -12.67
C4 MAN C . -18.86 -5.38 -11.53
C5 MAN C . -18.26 -6.20 -10.38
C6 MAN C . -18.10 -5.30 -9.16
O2 MAN C . -21.41 -7.20 -11.70
O3 MAN C . -20.38 -5.46 -13.36
O4 MAN C . -17.90 -4.40 -11.94
O5 MAN C . -19.04 -7.34 -10.05
O6 MAN C . -19.35 -4.87 -8.69
C1 MAN C . -17.20 -4.67 -13.17
C2 MAN C . -16.06 -3.67 -13.35
C3 MAN C . -16.56 -2.30 -13.85
C4 MAN C . -18.09 -2.18 -13.92
C5 MAN C . -18.76 -3.43 -14.50
C6 MAN C . -19.02 -3.23 -15.99
O2 MAN C . -15.10 -4.18 -14.26
O3 MAN C . -15.96 -1.94 -15.08
O4 MAN C . -18.61 -1.69 -12.67
O5 MAN C . -18.00 -4.61 -14.33
O6 MAN C . -18.16 -4.06 -16.74
C1 MAN C . -19.75 -2.34 -12.07
C2 MAN C . -21.03 -1.53 -12.19
C3 MAN C . -20.86 -0.17 -11.53
C4 MAN C . -20.23 -0.25 -10.14
C5 MAN C . -19.18 -1.37 -10.00
C6 MAN C . -18.92 -1.73 -8.53
O2 MAN C . -22.10 -2.22 -11.58
O3 MAN C . -22.10 0.49 -11.45
O4 MAN C . -19.62 1.00 -9.86
O5 MAN C . -19.56 -2.55 -10.68
O6 MAN C . -18.72 -0.58 -7.73
C1 NAG D . 4.45 -21.16 1.01
C2 NAG D . 3.68 -20.54 -0.15
C3 NAG D . 4.50 -19.48 -0.87
C4 NAG D . 5.16 -18.53 0.11
C5 NAG D . 5.89 -19.34 1.18
C6 NAG D . 6.60 -18.51 2.24
C7 NAG D . 1.99 -21.83 -1.19
C8 NAG D . 1.62 -23.02 -2.04
N2 NAG D . 3.28 -21.56 -1.09
O3 NAG D . 3.70 -18.74 -1.77
O4 NAG D . 6.01 -17.84 -0.76
O5 NAG D . 4.95 -20.14 1.85
O6 NAG D . 5.66 -17.80 3.00
O7 NAG D . 1.14 -21.15 -0.63
C1 NDG D . 6.70 -16.72 -0.18
C2 NDG D . 6.85 -15.88 -1.41
C3 NDG D . 7.39 -16.81 -2.53
C4 NDG D . 8.45 -17.87 -2.13
C5 NDG D . 8.34 -18.16 -0.62
C6 NDG D . 9.53 -18.79 0.10
C7 NDG D . 5.33 -14.06 -1.92
C8 NDG D . 4.02 -13.68 -2.54
O5 NDG D . 8.01 -17.01 0.15
O3 NDG D . 7.88 -16.01 -3.58
O4 NDG D . 8.20 -19.06 -2.91
O6 NDG D . 9.77 -18.02 1.26
O7 NDG D . 6.15 -13.22 -1.58
N2 NDG D . 5.55 -15.37 -1.76
C1 NAG D . 8.73 -19.33 -4.28
C2 NAG D . 7.82 -19.06 -5.51
C3 NAG D . 8.42 -19.53 -6.85
C4 NAG D . 9.95 -19.46 -6.94
C5 NAG D . 10.66 -19.59 -5.60
C6 NAG D . 12.09 -19.08 -5.77
C7 NAG D . 5.43 -19.10 -5.04
C8 NAG D . 4.12 -19.81 -5.26
N2 NAG D . 6.52 -19.73 -5.45
O3 NAG D . 7.89 -18.82 -7.94
O4 NAG D . 10.41 -20.49 -7.78
O5 NAG D . 10.02 -18.84 -4.58
O6 NAG D . 12.02 -17.70 -6.05
O7 NAG D . 5.46 -18.01 -4.49
C1 NAG D . 11.39 -19.92 -8.65
C2 NAG D . 11.98 -21.00 -9.55
C3 NAG D . 12.74 -20.42 -10.75
C4 NAG D . 11.99 -19.26 -11.38
C5 NAG D . 11.54 -18.24 -10.33
C6 NAG D . 10.70 -17.10 -10.92
C7 NAG D . 12.88 -23.22 -8.97
C8 NAG D . 13.99 -23.98 -8.28
N2 NAG D . 12.86 -21.90 -8.80
O3 NAG D . 12.94 -21.46 -11.69
O4 NAG D . 12.82 -18.61 -12.32
O5 NAG D . 10.74 -18.92 -9.39
O6 NAG D . 9.43 -17.58 -11.32
O7 NAG D . 12.07 -23.84 -9.66
C1 NAG E . -16.63 -9.01 21.73
C2 NAG E . -17.64 -9.59 20.73
C3 NAG E . -18.50 -10.72 21.32
C4 NAG E . -17.77 -11.62 22.33
C5 NAG E . -16.66 -10.93 23.09
C6 NAG E . -15.67 -11.98 23.55
C7 NAG E . -18.29 -7.92 19.07
C8 NAG E . -19.38 -7.00 18.59
N2 NAG E . -18.54 -8.60 20.19
O3 NAG E . -18.98 -11.55 20.28
O4 NAG E . -18.69 -12.17 23.28
O5 NAG E . -15.92 -10.11 22.22
O6 NAG E . -15.21 -12.68 22.41
O7 NAG E . -17.23 -8.01 18.44
ZN ZN F . 9.46 -21.31 8.10
ZN ZN G . 6.41 -11.42 -13.62
FE FE H . 1.63 -2.14 -1.37
C CO3 I . 2.64 -0.12 -2.19
O1 CO3 I . 1.81 -0.04 -1.20
O2 CO3 I . 2.95 -1.25 -2.68
O3 CO3 I . 3.12 0.93 -2.73
S SO4 J . 0.52 3.66 -27.71
O1 SO4 J . 0.87 2.87 -26.55
O2 SO4 J . 1.62 3.66 -28.65
O3 SO4 J . -0.68 3.03 -28.30
O4 SO4 J . 0.23 5.04 -27.31
#